data_1NJG
#
_entry.id   1NJG
#
_cell.length_a   47.335
_cell.length_b   85.471
_cell.length_c   56.932
_cell.angle_alpha   90.00
_cell.angle_beta   93.15
_cell.angle_gamma   90.00
#
_symmetry.space_group_name_H-M   'P 1 21 1'
#
loop_
_entity.id
_entity.type
_entity.pdbx_description
1 polymer 'DNA polymerase III subunit gamma'
2 non-polymer 'ZINC ION'
3 non-polymer 'SULFATE ION'
4 water water
#
_entity_poly.entity_id   1
_entity_poly.type   'polypeptide(L)'
_entity_poly.pdbx_seq_one_letter_code
;GAHMGGSMSYQVLARKWRPQTFADVVGQEHVLTALANGLSLGRIHHAYLFSGTRGVGKTSIARLLAKGLNCETGITATPC
GVCDNCREIEQGRFVDLIEIDAASRTKVEDTRDLLDNVQYAPARGRFKVYLIDEVHMLSRHSFNALLKTLEEPPEHVKFL
LATTDPQKLPVTILSRCLQFHLKALDVEQIRHQLEHILNEEHIAHEPRALQLLARAAEGSLRDALSLTDQAIASGDGQVS
TQAVSAMLGT
;
_entity_poly.pdbx_strand_id   A,B
#
loop_
_chem_comp.id
_chem_comp.type
_chem_comp.name
_chem_comp.formula
SO4 non-polymer 'SULFATE ION' 'O4 S -2'
ZN non-polymer 'ZINC ION' 'Zn 2'
#
# COMPACT_ATOMS: atom_id res chain seq x y z
N GLN A 11 -20.63 0.04 -29.54
CA GLN A 11 -21.36 1.03 -28.68
C GLN A 11 -22.64 0.43 -28.06
N VAL A 12 -22.54 -0.12 -26.85
CA VAL A 12 -23.73 -0.69 -26.21
C VAL A 12 -24.21 0.13 -25.01
N LEU A 13 -25.52 0.15 -24.80
CA LEU A 13 -26.14 0.91 -23.72
C LEU A 13 -25.35 0.94 -22.41
N ALA A 14 -24.94 -0.23 -21.93
CA ALA A 14 -24.18 -0.32 -20.69
C ALA A 14 -22.96 0.60 -20.73
N ARG A 15 -22.30 0.66 -21.88
CA ARG A 15 -21.13 1.50 -22.01
C ARG A 15 -21.50 2.92 -22.44
N LYS A 16 -22.40 3.03 -23.40
CA LYS A 16 -22.83 4.33 -23.90
C LYS A 16 -23.53 5.19 -22.84
N TRP A 17 -24.10 4.56 -21.83
CA TRP A 17 -24.77 5.33 -20.80
C TRP A 17 -24.01 5.39 -19.47
N ARG A 18 -22.68 5.35 -19.57
CA ARG A 18 -21.86 5.46 -18.36
C ARG A 18 -21.96 6.93 -17.92
N PRO A 19 -22.15 7.17 -16.61
CA PRO A 19 -22.26 8.54 -16.08
C PRO A 19 -21.03 9.37 -16.44
N GLN A 20 -21.24 10.60 -16.91
CA GLN A 20 -20.07 11.39 -17.25
C GLN A 20 -19.86 12.48 -16.22
N THR A 21 -20.89 12.67 -15.41
CA THR A 21 -20.86 13.69 -14.36
C THR A 21 -21.79 13.27 -13.22
N PHE A 22 -21.55 13.83 -12.03
CA PHE A 22 -22.37 13.49 -10.87
C PHE A 22 -23.84 13.64 -11.24
N ALA A 23 -24.12 14.64 -12.06
CA ALA A 23 -25.48 14.90 -12.49
C ALA A 23 -26.16 13.72 -13.17
N ASP A 24 -25.42 12.96 -13.97
CA ASP A 24 -25.98 11.80 -14.68
C ASP A 24 -26.27 10.60 -13.76
N VAL A 25 -25.80 10.64 -12.52
CA VAL A 25 -26.01 9.52 -11.61
C VAL A 25 -27.43 9.41 -11.09
N VAL A 26 -27.97 8.19 -11.07
CA VAL A 26 -29.32 7.96 -10.55
C VAL A 26 -29.28 7.62 -9.06
N GLY A 27 -30.05 8.36 -8.26
CA GLY A 27 -30.11 8.10 -6.83
C GLY A 27 -28.89 8.60 -6.06
N GLN A 28 -28.70 8.05 -4.88
CA GLN A 28 -27.58 8.41 -4.01
C GLN A 28 -27.48 9.92 -3.79
N GLU A 29 -28.63 10.59 -3.74
CA GLU A 29 -28.69 12.05 -3.55
C GLU A 29 -27.65 12.59 -2.58
N HIS A 30 -27.58 12.02 -1.37
CA HIS A 30 -26.65 12.51 -0.35
C HIS A 30 -25.17 12.44 -0.71
N VAL A 31 -24.76 11.36 -1.34
CA VAL A 31 -23.37 11.21 -1.74
C VAL A 31 -23.03 12.24 -2.82
N LEU A 32 -23.92 12.39 -3.80
CA LEU A 32 -23.67 13.34 -4.89
C LEU A 32 -23.54 14.76 -4.35
N THR A 33 -24.46 15.15 -3.46
CA THR A 33 -24.40 16.49 -2.87
C THR A 33 -23.08 16.73 -2.14
N ALA A 34 -22.65 15.77 -1.32
CA ALA A 34 -21.41 15.95 -0.58
C ALA A 34 -20.15 16.05 -1.46
N LEU A 35 -20.09 15.25 -2.52
CA LEU A 35 -18.94 15.30 -3.42
C LEU A 35 -18.98 16.51 -4.35
N ALA A 36 -20.17 16.82 -4.86
CA ALA A 36 -20.33 17.96 -5.74
C ALA A 36 -19.92 19.22 -5.00
N ASN A 37 -20.55 19.44 -3.84
CA ASN A 37 -20.27 20.60 -3.01
C ASN A 37 -18.84 20.63 -2.55
N GLY A 38 -18.31 19.45 -2.23
CA GLY A 38 -16.94 19.35 -1.79
C GLY A 38 -15.98 19.80 -2.86
N LEU A 39 -16.20 19.33 -4.07
CA LEU A 39 -15.33 19.71 -5.17
C LEU A 39 -15.49 21.20 -5.45
N SER A 40 -16.72 21.66 -5.47
CA SER A 40 -17.04 23.06 -5.70
C SER A 40 -16.48 24.00 -4.64
N LEU A 41 -16.21 23.49 -3.44
CA LEU A 41 -15.69 24.35 -2.35
C LEU A 41 -14.22 24.21 -2.01
N GLY A 42 -13.50 23.36 -2.72
CA GLY A 42 -12.10 23.23 -2.39
C GLY A 42 -11.99 22.53 -1.06
N ARG A 43 -13.10 21.92 -0.62
CA ARG A 43 -13.15 21.18 0.63
C ARG A 43 -13.00 19.73 0.22
N ILE A 44 -11.74 19.31 0.12
CA ILE A 44 -11.44 17.97 -0.33
C ILE A 44 -10.65 17.18 0.70
N HIS A 45 -11.09 15.96 0.96
CA HIS A 45 -10.46 15.10 1.94
C HIS A 45 -9.28 14.29 1.38
N HIS A 46 -8.53 13.63 2.27
CA HIS A 46 -7.38 12.85 1.87
C HIS A 46 -7.84 11.52 1.32
N ALA A 47 -8.83 10.93 1.96
CA ALA A 47 -9.32 9.63 1.54
C ALA A 47 -10.82 9.53 1.58
N TYR A 48 -11.37 8.80 0.62
CA TYR A 48 -12.81 8.61 0.53
C TYR A 48 -13.07 7.11 0.59
N LEU A 49 -14.17 6.73 1.22
CA LEU A 49 -14.52 5.33 1.32
C LEU A 49 -15.92 5.14 0.79
N PHE A 50 -16.03 4.40 -0.30
CA PHE A 50 -17.33 4.12 -0.91
C PHE A 50 -17.74 2.70 -0.52
N SER A 51 -18.88 2.58 0.14
CA SER A 51 -19.38 1.28 0.59
C SER A 51 -20.77 1.01 0.04
N GLY A 52 -21.09 -0.27 -0.10
CA GLY A 52 -22.38 -0.70 -0.63
C GLY A 52 -22.22 -2.06 -1.28
N THR A 53 -23.34 -2.71 -1.60
CA THR A 53 -23.30 -4.03 -2.22
C THR A 53 -22.79 -3.95 -3.65
N ARG A 54 -22.32 -5.08 -4.17
CA ARG A 54 -21.82 -5.10 -5.54
C ARG A 54 -22.94 -4.64 -6.47
N GLY A 55 -22.58 -3.77 -7.42
CA GLY A 55 -23.56 -3.27 -8.36
C GLY A 55 -24.24 -1.94 -8.05
N VAL A 56 -23.84 -1.27 -6.97
CA VAL A 56 -24.46 0.00 -6.65
C VAL A 56 -23.77 1.19 -7.31
N GLY A 57 -22.67 0.93 -7.99
CA GLY A 57 -21.95 1.99 -8.67
C GLY A 57 -20.82 2.59 -7.88
N LYS A 58 -20.29 1.85 -6.89
CA LYS A 58 -19.19 2.39 -6.09
C LYS A 58 -18.01 2.86 -6.93
N THR A 59 -17.46 2.00 -7.79
CA THR A 59 -16.32 2.42 -8.59
C THR A 59 -16.70 3.47 -9.64
N SER A 60 -17.94 3.41 -10.11
CA SER A 60 -18.40 4.38 -11.09
C SER A 60 -18.36 5.80 -10.50
N ILE A 61 -18.80 5.95 -9.25
CA ILE A 61 -18.80 7.28 -8.64
C ILE A 61 -17.40 7.73 -8.22
N ALA A 62 -16.55 6.79 -7.81
CA ALA A 62 -15.19 7.13 -7.42
C ALA A 62 -14.40 7.65 -8.64
N ARG A 63 -14.65 7.06 -9.80
CA ARG A 63 -13.97 7.50 -11.01
C ARG A 63 -14.42 8.92 -11.41
N LEU A 64 -15.70 9.22 -11.22
CA LEU A 64 -16.21 10.55 -11.53
C LEU A 64 -15.57 11.57 -10.60
N LEU A 65 -15.25 11.11 -9.40
CA LEU A 65 -14.61 11.98 -8.43
C LEU A 65 -13.18 12.27 -8.92
N ALA A 66 -12.46 11.23 -9.30
CA ALA A 66 -11.09 11.39 -9.80
C ALA A 66 -11.14 12.33 -11.00
N LYS A 67 -12.15 12.14 -11.86
CA LYS A 67 -12.31 12.96 -13.06
C LYS A 67 -12.47 14.41 -12.63
N GLY A 68 -13.43 14.66 -11.73
CA GLY A 68 -13.65 16.01 -11.26
C GLY A 68 -12.41 16.60 -10.61
N LEU A 69 -11.63 15.74 -9.96
CA LEU A 69 -10.43 16.19 -9.29
C LEU A 69 -9.30 16.55 -10.26
N ASN A 70 -9.26 15.88 -11.41
CA ASN A 70 -8.19 16.13 -12.38
C ASN A 70 -8.50 16.87 -13.68
N CYS A 71 -9.76 17.20 -13.91
CA CYS A 71 -10.13 17.91 -15.14
C CYS A 71 -9.15 19.07 -15.34
N GLU A 72 -8.74 19.26 -16.59
CA GLU A 72 -7.77 20.30 -16.91
C GLU A 72 -8.30 21.71 -16.72
N THR A 73 -9.62 21.85 -16.73
CA THR A 73 -10.22 23.15 -16.56
C THR A 73 -10.20 23.54 -15.10
N GLY A 74 -9.88 22.57 -14.23
CA GLY A 74 -9.83 22.83 -12.81
C GLY A 74 -10.64 21.85 -11.99
N ILE A 75 -10.48 21.91 -10.67
CA ILE A 75 -11.21 21.03 -9.78
C ILE A 75 -12.68 21.38 -9.93
N THR A 76 -13.51 20.38 -10.23
CA THR A 76 -14.91 20.69 -10.43
C THR A 76 -15.83 19.50 -10.24
N ALA A 77 -17.09 19.80 -9.94
CA ALA A 77 -18.09 18.78 -9.76
C ALA A 77 -18.66 18.42 -11.12
N THR A 78 -18.41 19.28 -12.12
CA THR A 78 -18.90 19.04 -13.48
C THR A 78 -17.75 18.96 -14.47
N PRO A 79 -16.97 17.86 -14.42
CA PRO A 79 -15.83 17.66 -15.31
C PRO A 79 -16.25 17.82 -16.78
N CYS A 80 -15.41 18.52 -17.55
CA CYS A 80 -15.71 18.81 -18.97
C CYS A 80 -15.87 17.57 -19.85
N GLY A 81 -15.06 16.56 -19.57
CA GLY A 81 -15.17 15.32 -20.33
C GLY A 81 -14.50 15.30 -21.69
N VAL A 82 -13.99 16.45 -22.13
CA VAL A 82 -13.36 16.55 -23.43
C VAL A 82 -11.86 16.78 -23.37
N CYS A 83 -11.32 17.01 -22.17
CA CYS A 83 -9.87 17.20 -22.08
C CYS A 83 -9.23 15.81 -22.05
N ASP A 84 -7.91 15.73 -22.17
CA ASP A 84 -7.25 14.43 -22.17
C ASP A 84 -7.36 13.69 -20.83
N ASN A 85 -7.21 14.41 -19.72
CA ASN A 85 -7.35 13.76 -18.42
C ASN A 85 -8.73 13.10 -18.34
N CYS A 86 -9.78 13.88 -18.62
CA CYS A 86 -11.16 13.39 -18.58
C CYS A 86 -11.38 12.19 -19.50
N ARG A 87 -11.00 12.33 -20.76
CA ARG A 87 -11.17 11.25 -21.74
C ARG A 87 -10.40 9.99 -21.32
N GLU A 88 -9.18 10.18 -20.83
CA GLU A 88 -8.38 9.05 -20.40
C GLU A 88 -8.90 8.43 -19.12
N ILE A 89 -9.20 9.28 -18.13
CA ILE A 89 -9.73 8.80 -16.87
C ILE A 89 -11.01 8.02 -17.11
N GLU A 90 -11.77 8.42 -18.13
CA GLU A 90 -13.01 7.75 -18.44
C GLU A 90 -12.75 6.37 -19.04
N GLN A 91 -11.57 6.19 -19.65
CA GLN A 91 -11.22 4.91 -20.24
C GLN A 91 -10.20 4.19 -19.36
N GLY A 92 -10.17 4.56 -18.07
CA GLY A 92 -9.26 3.94 -17.14
C GLY A 92 -7.82 3.82 -17.62
N ARG A 93 -7.41 4.71 -18.51
CA ARG A 93 -6.06 4.70 -19.04
C ARG A 93 -5.30 5.97 -18.61
N PHE A 94 -5.58 6.44 -17.40
CA PHE A 94 -4.92 7.63 -16.91
C PHE A 94 -3.71 7.23 -16.07
N VAL A 95 -2.64 8.03 -16.13
CA VAL A 95 -1.41 7.73 -15.41
C VAL A 95 -1.43 8.15 -13.95
N ASP A 96 -2.27 9.13 -13.62
CA ASP A 96 -2.37 9.59 -12.24
C ASP A 96 -3.53 8.93 -11.51
N LEU A 97 -4.21 8.01 -12.18
CA LEU A 97 -5.32 7.27 -11.58
C LEU A 97 -4.92 5.79 -11.56
N ILE A 98 -4.18 5.39 -10.53
CA ILE A 98 -3.75 4.00 -10.40
C ILE A 98 -4.92 3.17 -9.90
N GLU A 99 -5.38 2.25 -10.74
CA GLU A 99 -6.50 1.39 -10.39
C GLU A 99 -6.01 0.05 -9.85
N ILE A 100 -6.43 -0.26 -8.63
CA ILE A 100 -6.01 -1.48 -7.98
C ILE A 100 -7.15 -2.41 -7.59
N ASP A 101 -6.91 -3.71 -7.77
CA ASP A 101 -7.91 -4.70 -7.42
C ASP A 101 -7.34 -5.61 -6.34
N ALA A 102 -7.59 -5.25 -5.08
CA ALA A 102 -7.10 -6.03 -3.95
C ALA A 102 -7.71 -7.42 -3.93
N ALA A 103 -8.86 -7.58 -4.56
CA ALA A 103 -9.56 -8.84 -4.59
C ALA A 103 -8.96 -9.90 -5.52
N SER A 104 -7.95 -9.54 -6.29
CA SER A 104 -7.37 -10.52 -7.21
C SER A 104 -5.90 -10.84 -6.96
N ARG A 105 -5.60 -12.13 -6.88
CA ARG A 105 -4.23 -12.59 -6.65
C ARG A 105 -3.37 -12.48 -7.90
N THR A 106 -4.01 -12.27 -9.04
CA THR A 106 -3.31 -12.13 -10.30
C THR A 106 -2.39 -10.91 -10.29
N LYS A 107 -2.74 -9.90 -9.50
CA LYS A 107 -1.95 -8.66 -9.45
C LYS A 107 -1.42 -8.30 -8.05
N VAL A 108 -1.40 -9.25 -7.13
CA VAL A 108 -0.93 -8.93 -5.78
C VAL A 108 0.49 -8.39 -5.76
N GLU A 109 1.26 -8.74 -6.80
CA GLU A 109 2.65 -8.31 -6.92
C GLU A 109 2.79 -6.79 -7.05
N ASP A 110 2.12 -6.23 -8.06
CA ASP A 110 2.20 -4.80 -8.31
C ASP A 110 1.57 -3.95 -7.21
N THR A 111 0.48 -4.44 -6.62
CA THR A 111 -0.23 -3.72 -5.55
C THR A 111 0.65 -3.35 -4.38
N ARG A 112 1.15 -4.37 -3.69
CA ARG A 112 2.00 -4.15 -2.53
C ARG A 112 3.08 -3.16 -2.90
N ASP A 113 3.62 -3.31 -4.10
CA ASP A 113 4.66 -2.42 -4.59
C ASP A 113 4.16 -0.98 -4.66
N LEU A 114 3.13 -0.75 -5.48
CA LEU A 114 2.55 0.58 -5.65
C LEU A 114 2.24 1.25 -4.31
N LEU A 115 1.75 0.46 -3.37
CA LEU A 115 1.36 1.02 -2.07
C LEU A 115 2.56 1.59 -1.28
N ASP A 116 3.75 1.04 -1.44
CA ASP A 116 4.90 1.68 -0.83
C ASP A 116 5.29 2.69 -1.89
N ASN A 117 5.48 2.15 -3.10
CA ASN A 117 5.86 3.00 -4.21
C ASN A 117 4.78 4.06 -4.46
N VAL A 118 4.35 4.73 -3.39
CA VAL A 118 3.36 5.76 -3.57
C VAL A 118 3.97 6.85 -4.40
N GLN A 119 3.62 6.80 -5.70
CA GLN A 119 4.11 7.77 -6.62
C GLN A 119 3.69 9.16 -6.14
N TYR A 120 4.34 9.61 -5.07
CA TYR A 120 4.14 10.91 -4.40
C TYR A 120 3.89 12.15 -5.32
N ALA A 121 4.22 12.09 -6.58
CA ALA A 121 4.02 13.30 -7.33
C ALA A 121 3.48 13.06 -8.71
N PRO A 122 2.31 13.67 -8.88
CA PRO A 122 1.65 13.53 -10.18
C PRO A 122 2.54 13.73 -11.38
N ALA A 123 2.13 13.22 -12.51
CA ALA A 123 2.87 13.42 -13.74
C ALA A 123 2.25 14.58 -14.49
N ARG A 124 0.96 14.44 -14.83
CA ARG A 124 0.22 15.46 -15.57
C ARG A 124 -1.01 16.00 -14.84
N GLY A 125 -1.54 15.22 -13.89
CA GLY A 125 -2.70 15.66 -13.15
C GLY A 125 -2.25 16.43 -11.92
N ARG A 126 -3.13 17.25 -11.37
CA ARG A 126 -2.80 18.03 -10.18
C ARG A 126 -2.81 17.13 -8.94
N PHE A 127 -3.41 15.95 -9.10
CA PHE A 127 -3.53 14.96 -8.03
C PHE A 127 -3.22 13.57 -8.56
N LYS A 128 -2.57 12.77 -7.75
CA LYS A 128 -2.28 11.40 -8.11
C LYS A 128 -3.39 10.67 -7.34
N VAL A 129 -4.13 9.81 -8.03
CA VAL A 129 -5.25 9.11 -7.39
C VAL A 129 -5.19 7.59 -7.40
N TYR A 130 -5.39 7.00 -6.24
CA TYR A 130 -5.39 5.56 -6.10
C TYR A 130 -6.83 5.07 -5.86
N LEU A 131 -7.33 4.25 -6.78
CA LEU A 131 -8.68 3.71 -6.65
C LEU A 131 -8.54 2.25 -6.27
N ILE A 132 -8.82 1.94 -5.01
CA ILE A 132 -8.69 0.57 -4.54
C ILE A 132 -10.01 -0.13 -4.28
N ASP A 133 -10.39 -0.99 -5.21
CA ASP A 133 -11.63 -1.75 -5.11
C ASP A 133 -11.45 -2.93 -4.14
N GLU A 134 -12.52 -3.28 -3.42
CA GLU A 134 -12.52 -4.36 -2.44
C GLU A 134 -11.30 -4.27 -1.52
N VAL A 135 -11.03 -3.04 -1.09
CA VAL A 135 -9.88 -2.71 -0.23
C VAL A 135 -9.67 -3.57 1.03
N HIS A 136 -10.76 -4.04 1.64
CA HIS A 136 -10.66 -4.87 2.84
C HIS A 136 -9.93 -6.18 2.54
N MET A 137 -9.68 -6.42 1.25
CA MET A 137 -9.01 -7.64 0.83
C MET A 137 -7.52 -7.51 0.68
N LEU A 138 -7.02 -6.30 0.87
CA LEU A 138 -5.60 -6.11 0.76
C LEU A 138 -4.89 -7.06 1.72
N SER A 139 -3.71 -7.52 1.29
CA SER A 139 -2.90 -8.41 2.10
C SER A 139 -2.31 -7.63 3.26
N ARG A 140 -2.10 -8.32 4.38
CA ARG A 140 -1.54 -7.74 5.58
C ARG A 140 -0.49 -6.70 5.25
N HIS A 141 0.05 -6.83 4.06
CA HIS A 141 1.10 -5.94 3.60
C HIS A 141 0.57 -4.60 3.09
N SER A 142 -0.29 -4.65 2.07
CA SER A 142 -0.86 -3.44 1.48
C SER A 142 -1.63 -2.55 2.44
N PHE A 143 -2.08 -3.13 3.55
CA PHE A 143 -2.86 -2.41 4.54
C PHE A 143 -1.99 -1.50 5.34
N ASN A 144 -0.95 -2.12 5.84
CA ASN A 144 -0.01 -1.44 6.67
C ASN A 144 0.59 -0.22 5.99
N ALA A 145 1.05 -0.33 4.75
CA ALA A 145 1.61 0.87 4.11
C ALA A 145 0.46 1.85 3.93
N LEU A 146 -0.65 1.36 3.37
CA LEU A 146 -1.83 2.19 3.16
C LEU A 146 -2.17 2.81 4.50
N LEU A 147 -2.21 1.98 5.55
CA LEU A 147 -2.51 2.42 6.90
C LEU A 147 -1.56 3.55 7.29
N LYS A 148 -0.30 3.40 6.92
CA LYS A 148 0.74 4.38 7.24
C LYS A 148 0.57 5.73 6.54
N THR A 149 0.12 5.69 5.28
CA THR A 149 -0.07 6.91 4.50
C THR A 149 -1.28 7.73 4.97
N LEU A 150 -2.38 7.05 5.31
CA LEU A 150 -3.56 7.77 5.76
C LEU A 150 -3.24 8.57 7.03
N GLU A 151 -2.17 8.18 7.72
CA GLU A 151 -1.74 8.86 8.92
C GLU A 151 -1.06 10.17 8.52
N GLU A 152 -0.04 10.06 7.67
CA GLU A 152 0.68 11.21 7.15
C GLU A 152 0.49 11.20 5.62
N PRO A 153 -0.57 11.87 5.14
CA PRO A 153 -1.01 12.02 3.75
C PRO A 153 -0.36 13.04 2.84
N PRO A 154 0.19 12.59 1.70
CA PRO A 154 0.82 13.52 0.75
C PRO A 154 -0.26 14.51 0.31
N GLU A 155 0.07 15.79 0.21
CA GLU A 155 -0.91 16.81 -0.19
C GLU A 155 -1.54 16.65 -1.58
N HIS A 156 -0.76 16.18 -2.54
CA HIS A 156 -1.23 16.01 -3.91
C HIS A 156 -1.61 14.56 -4.21
N VAL A 157 -1.91 13.79 -3.18
CA VAL A 157 -2.29 12.39 -3.35
C VAL A 157 -3.63 12.11 -2.68
N LYS A 158 -4.51 11.37 -3.35
CA LYS A 158 -5.81 11.04 -2.78
C LYS A 158 -6.09 9.55 -2.88
N PHE A 159 -6.87 9.03 -1.93
CA PHE A 159 -7.21 7.62 -1.90
C PHE A 159 -8.72 7.43 -1.95
N LEU A 160 -9.16 6.72 -2.97
CA LEU A 160 -10.57 6.45 -3.17
C LEU A 160 -10.74 4.95 -2.97
N LEU A 161 -11.35 4.58 -1.86
CA LEU A 161 -11.55 3.17 -1.54
C LEU A 161 -12.99 2.70 -1.70
N ALA A 162 -13.13 1.46 -2.13
CA ALA A 162 -14.46 0.85 -2.32
C ALA A 162 -14.46 -0.52 -1.65
N THR A 163 -15.56 -0.85 -0.98
CA THR A 163 -15.69 -2.13 -0.29
C THR A 163 -17.16 -2.51 -0.11
N THR A 164 -17.43 -3.81 -0.13
CA THR A 164 -18.77 -4.30 0.07
C THR A 164 -18.85 -4.67 1.55
N ASP A 165 -17.73 -4.55 2.25
CA ASP A 165 -17.71 -4.89 3.66
C ASP A 165 -16.87 -3.97 4.56
N PRO A 166 -17.37 -2.76 4.83
CA PRO A 166 -16.74 -1.73 5.65
C PRO A 166 -16.24 -2.19 7.01
N GLN A 167 -17.04 -2.99 7.71
CA GLN A 167 -16.66 -3.48 9.03
C GLN A 167 -15.31 -4.20 9.04
N LYS A 168 -15.00 -4.93 7.96
CA LYS A 168 -13.75 -5.68 7.92
C LYS A 168 -12.51 -4.80 7.84
N LEU A 169 -12.70 -3.48 7.85
CA LEU A 169 -11.56 -2.58 7.80
C LEU A 169 -11.21 -2.13 9.22
N PRO A 170 -9.91 -1.92 9.52
CA PRO A 170 -9.49 -1.49 10.85
C PRO A 170 -10.15 -0.14 11.13
N VAL A 171 -10.36 0.17 12.40
CA VAL A 171 -10.97 1.42 12.81
C VAL A 171 -10.03 2.60 12.50
N THR A 172 -8.73 2.32 12.38
CA THR A 172 -7.76 3.36 12.06
C THR A 172 -7.90 3.86 10.61
N ILE A 173 -8.49 3.06 9.75
CA ILE A 173 -8.70 3.51 8.37
C ILE A 173 -10.11 4.10 8.29
N LEU A 174 -11.04 3.48 9.01
CA LEU A 174 -12.43 3.94 9.03
C LEU A 174 -12.56 5.36 9.56
N SER A 175 -11.82 5.67 10.62
CA SER A 175 -11.85 6.99 11.26
C SER A 175 -11.09 8.06 10.48
N ARG A 176 -10.42 7.65 9.39
CA ARG A 176 -9.64 8.60 8.60
C ARG A 176 -10.20 8.81 7.19
N CYS A 177 -11.34 8.21 6.91
CA CYS A 177 -11.96 8.34 5.60
C CYS A 177 -13.36 8.90 5.69
N LEU A 178 -13.72 9.75 4.74
CA LEU A 178 -15.10 10.23 4.73
C LEU A 178 -15.77 9.06 4.03
N GLN A 179 -16.79 8.49 4.67
CA GLN A 179 -17.48 7.34 4.10
C GLN A 179 -18.80 7.69 3.41
N PHE A 180 -19.01 7.08 2.25
CA PHE A 180 -20.22 7.28 1.47
C PHE A 180 -20.91 5.94 1.36
N HIS A 181 -22.15 5.88 1.84
CA HIS A 181 -22.93 4.65 1.83
C HIS A 181 -23.87 4.63 0.62
N LEU A 182 -23.46 3.91 -0.43
CA LEU A 182 -24.28 3.81 -1.63
C LEU A 182 -25.40 2.79 -1.43
N LYS A 183 -26.60 3.15 -1.89
CA LYS A 183 -27.76 2.28 -1.73
C LYS A 183 -28.29 1.69 -3.03
N ALA A 184 -28.98 0.56 -2.92
CA ALA A 184 -29.59 -0.10 -4.06
C ALA A 184 -30.77 0.77 -4.45
N LEU A 185 -31.16 0.72 -5.72
CA LEU A 185 -32.29 1.51 -6.21
C LEU A 185 -33.57 0.64 -6.17
N ASP A 186 -34.74 1.26 -6.00
CA ASP A 186 -35.99 0.50 -6.00
C ASP A 186 -36.28 0.18 -7.47
N VAL A 187 -37.30 -0.62 -7.75
CA VAL A 187 -37.56 -0.99 -9.14
C VAL A 187 -37.98 0.16 -10.04
N GLU A 188 -38.70 1.13 -9.49
CA GLU A 188 -39.15 2.26 -10.30
C GLU A 188 -38.03 3.12 -10.81
N GLN A 189 -37.07 3.45 -9.96
CA GLN A 189 -35.94 4.26 -10.39
C GLN A 189 -35.22 3.57 -11.56
N ILE A 190 -35.08 2.25 -11.48
CA ILE A 190 -34.42 1.49 -12.53
C ILE A 190 -35.30 1.46 -13.77
N ARG A 191 -36.58 1.19 -13.57
CA ARG A 191 -37.53 1.13 -14.68
C ARG A 191 -37.61 2.45 -15.43
N HIS A 192 -37.81 3.54 -14.70
CA HIS A 192 -37.91 4.87 -15.30
C HIS A 192 -36.69 5.24 -16.13
N GLN A 193 -35.51 4.90 -15.62
CA GLN A 193 -34.27 5.19 -16.33
C GLN A 193 -34.26 4.38 -17.63
N LEU A 194 -34.58 3.10 -17.51
CA LEU A 194 -34.62 2.20 -18.65
C LEU A 194 -35.51 2.72 -19.79
N GLU A 195 -36.69 3.21 -19.43
CA GLU A 195 -37.63 3.74 -20.42
C GLU A 195 -37.07 5.01 -21.06
N HIS A 196 -36.50 5.87 -20.22
CA HIS A 196 -35.91 7.11 -20.68
C HIS A 196 -34.76 6.86 -21.65
N ILE A 197 -33.95 5.85 -21.34
CA ILE A 197 -32.80 5.49 -22.17
C ILE A 197 -33.24 5.00 -23.55
N LEU A 198 -34.13 4.01 -23.57
CA LEU A 198 -34.65 3.42 -24.80
C LEU A 198 -35.39 4.43 -25.70
N ASN A 199 -35.96 5.48 -25.10
CA ASN A 199 -36.66 6.49 -25.89
C ASN A 199 -35.62 7.35 -26.59
N GLU A 200 -34.63 7.82 -25.82
CA GLU A 200 -33.53 8.62 -26.34
C GLU A 200 -32.89 7.85 -27.49
N GLU A 201 -32.83 6.53 -27.36
CA GLU A 201 -32.23 5.67 -28.37
C GLU A 201 -33.17 5.31 -29.51
N HIS A 202 -34.45 5.64 -29.35
CA HIS A 202 -35.44 5.34 -30.39
C HIS A 202 -35.62 3.83 -30.49
N ILE A 203 -35.54 3.14 -29.35
CA ILE A 203 -35.66 1.68 -29.31
C ILE A 203 -36.99 1.25 -28.69
N ALA A 204 -37.74 0.44 -29.43
CA ALA A 204 -39.05 -0.04 -28.97
C ALA A 204 -38.99 -0.82 -27.66
N HIS A 205 -40.05 -0.70 -26.86
CA HIS A 205 -40.13 -1.39 -25.57
C HIS A 205 -41.55 -1.60 -25.03
N GLU A 206 -41.80 -2.79 -24.51
CA GLU A 206 -43.09 -3.13 -23.91
C GLU A 206 -42.97 -2.87 -22.42
N PRO A 207 -44.09 -2.50 -21.78
CA PRO A 207 -44.15 -2.21 -20.35
C PRO A 207 -43.64 -3.34 -19.42
N ARG A 208 -44.34 -4.47 -19.38
CA ARG A 208 -43.92 -5.57 -18.50
C ARG A 208 -42.46 -5.96 -18.73
N ALA A 209 -42.01 -5.84 -19.97
CA ALA A 209 -40.63 -6.18 -20.30
C ALA A 209 -39.67 -5.37 -19.41
N LEU A 210 -39.90 -4.06 -19.29
CA LEU A 210 -39.03 -3.22 -18.48
C LEU A 210 -39.19 -3.56 -17.00
N GLN A 211 -40.37 -4.00 -16.61
CA GLN A 211 -40.60 -4.34 -15.22
C GLN A 211 -39.82 -5.61 -14.90
N LEU A 212 -39.81 -6.57 -15.84
CA LEU A 212 -39.08 -7.82 -15.63
C LEU A 212 -37.59 -7.51 -15.56
N LEU A 213 -37.16 -6.56 -16.37
CA LEU A 213 -35.75 -6.17 -16.39
C LEU A 213 -35.37 -5.46 -15.10
N ALA A 214 -36.27 -4.65 -14.55
CA ALA A 214 -35.98 -3.92 -13.33
C ALA A 214 -36.06 -4.79 -12.07
N ARG A 215 -37.03 -5.70 -12.01
CA ARG A 215 -37.17 -6.59 -10.85
C ARG A 215 -35.92 -7.47 -10.88
N ALA A 216 -35.49 -7.81 -12.11
CA ALA A 216 -34.33 -8.65 -12.31
C ALA A 216 -33.02 -8.02 -11.84
N ALA A 217 -32.78 -6.78 -12.25
CA ALA A 217 -31.56 -6.07 -11.88
C ALA A 217 -31.20 -6.18 -10.39
N GLU A 218 -32.21 -6.32 -9.55
CA GLU A 218 -32.01 -6.42 -8.11
C GLU A 218 -31.25 -5.23 -7.52
N GLY A 219 -31.68 -4.01 -7.85
CA GLY A 219 -31.04 -2.82 -7.31
C GLY A 219 -29.92 -2.14 -8.06
N SER A 220 -29.30 -2.85 -9.02
CA SER A 220 -28.18 -2.31 -9.78
C SER A 220 -28.59 -1.76 -11.15
N LEU A 221 -28.23 -0.51 -11.41
CA LEU A 221 -28.55 0.11 -12.69
C LEU A 221 -27.52 -0.30 -13.72
N ARG A 222 -26.35 -0.72 -13.25
CA ARG A 222 -25.27 -1.16 -14.12
C ARG A 222 -25.66 -2.50 -14.75
N ASP A 223 -26.23 -3.38 -13.93
CA ASP A 223 -26.66 -4.66 -14.44
C ASP A 223 -28.01 -4.52 -15.13
N ALA A 224 -28.75 -3.47 -14.77
CA ALA A 224 -30.05 -3.22 -15.38
C ALA A 224 -29.81 -3.01 -16.87
N LEU A 225 -28.72 -2.31 -17.18
CA LEU A 225 -28.36 -2.00 -18.55
C LEU A 225 -27.80 -3.20 -19.32
N SER A 226 -26.91 -3.97 -18.69
CA SER A 226 -26.35 -5.15 -19.35
C SER A 226 -27.51 -6.03 -19.79
N LEU A 227 -28.36 -6.39 -18.85
CA LEU A 227 -29.53 -7.22 -19.13
C LEU A 227 -30.33 -6.66 -20.30
N THR A 228 -30.66 -5.38 -20.26
CA THR A 228 -31.43 -4.78 -21.35
C THR A 228 -30.73 -5.04 -22.68
N ASP A 229 -29.40 -4.89 -22.69
CA ASP A 229 -28.61 -5.14 -23.90
C ASP A 229 -28.65 -6.63 -24.27
N GLN A 230 -28.61 -7.48 -23.26
CA GLN A 230 -28.66 -8.93 -23.47
C GLN A 230 -30.10 -9.36 -23.73
N ALA A 231 -30.98 -8.38 -23.87
CA ALA A 231 -32.39 -8.61 -24.14
C ALA A 231 -32.70 -8.01 -25.51
N ILE A 232 -32.06 -6.88 -25.82
CA ILE A 232 -32.23 -6.23 -27.11
C ILE A 232 -31.59 -7.13 -28.14
N ALA A 233 -30.68 -7.99 -27.66
CA ALA A 233 -29.96 -8.94 -28.50
C ALA A 233 -30.82 -10.18 -28.76
N SER A 234 -31.32 -10.80 -27.70
CA SER A 234 -32.16 -11.98 -27.84
C SER A 234 -33.28 -11.66 -28.83
N GLY A 235 -34.42 -11.20 -28.34
CA GLY A 235 -35.52 -10.86 -29.22
C GLY A 235 -35.01 -9.80 -30.17
N ASP A 236 -34.78 -10.20 -31.41
CA ASP A 236 -34.25 -9.25 -32.39
C ASP A 236 -35.03 -7.98 -32.60
N GLY A 237 -34.31 -6.87 -32.48
CA GLY A 237 -34.87 -5.56 -32.68
C GLY A 237 -35.27 -4.74 -31.47
N GLN A 238 -36.34 -5.17 -30.83
CA GLN A 238 -36.88 -4.43 -29.71
C GLN A 238 -36.81 -5.13 -28.38
N VAL A 239 -37.36 -4.45 -27.38
CA VAL A 239 -37.41 -4.94 -26.03
C VAL A 239 -38.83 -5.47 -25.80
N SER A 240 -39.14 -6.59 -26.43
CA SER A 240 -40.46 -7.25 -26.34
C SER A 240 -40.56 -8.25 -25.18
N THR A 241 -41.59 -8.08 -24.35
CA THR A 241 -41.81 -8.93 -23.18
C THR A 241 -41.47 -10.41 -23.31
N GLN A 242 -41.70 -11.02 -24.47
CA GLN A 242 -41.38 -12.44 -24.61
C GLN A 242 -39.86 -12.63 -24.67
N ALA A 243 -39.17 -11.72 -25.34
CA ALA A 243 -37.71 -11.78 -25.45
C ALA A 243 -37.09 -11.71 -24.06
N VAL A 244 -37.53 -10.73 -23.28
CA VAL A 244 -37.05 -10.52 -21.92
C VAL A 244 -37.21 -11.74 -21.03
N SER A 245 -38.46 -12.16 -20.83
CA SER A 245 -38.74 -13.32 -19.98
C SER A 245 -38.15 -14.58 -20.60
N ALA A 246 -37.66 -14.45 -21.83
CA ALA A 246 -37.03 -15.56 -22.54
C ALA A 246 -35.54 -15.55 -22.25
N MET A 247 -35.00 -14.35 -22.02
CA MET A 247 -33.59 -14.16 -21.69
C MET A 247 -33.43 -14.48 -20.21
N LEU A 248 -34.49 -14.22 -19.44
CA LEU A 248 -34.52 -14.52 -18.01
C LEU A 248 -34.61 -16.03 -17.96
N GLY A 249 -34.85 -16.57 -19.15
CA GLY A 249 -34.97 -18.00 -19.44
C GLY A 249 -34.98 -19.19 -18.50
N THR A 250 -35.74 -20.18 -18.95
CA THR A 250 -35.93 -21.47 -18.30
C THR A 250 -36.14 -21.41 -16.79
N VAL B 12 7.94 -11.22 23.93
CA VAL B 12 7.33 -11.19 22.57
C VAL B 12 8.32 -11.69 21.52
N LEU B 13 8.09 -12.93 21.06
CA LEU B 13 8.93 -13.59 20.07
C LEU B 13 9.62 -12.61 19.16
N ALA B 14 8.85 -11.65 18.67
CA ALA B 14 9.39 -10.66 17.78
C ALA B 14 10.48 -9.81 18.38
N ARG B 15 10.70 -9.89 19.68
CA ARG B 15 11.75 -9.09 20.31
C ARG B 15 12.77 -10.06 20.88
N LYS B 16 12.30 -11.25 21.22
CA LYS B 16 13.14 -12.29 21.78
C LYS B 16 14.03 -12.93 20.72
N TRP B 17 13.50 -13.08 19.50
CA TRP B 17 14.24 -13.70 18.41
C TRP B 17 14.87 -12.73 17.44
N ARG B 18 15.16 -11.54 17.93
CA ARG B 18 15.79 -10.54 17.09
C ARG B 18 17.23 -10.93 16.87
N PRO B 19 17.70 -10.83 15.62
CA PRO B 19 19.09 -11.20 15.35
C PRO B 19 20.04 -10.44 16.29
N GLN B 20 21.05 -11.12 16.82
CA GLN B 20 22.01 -10.47 17.71
C GLN B 20 23.38 -10.38 17.03
N THR B 21 23.58 -11.18 16.00
CA THR B 21 24.83 -11.20 15.23
C THR B 21 24.46 -11.63 13.81
N PHE B 22 25.35 -11.39 12.85
CA PHE B 22 25.06 -11.75 11.47
C PHE B 22 24.64 -13.21 11.32
N ALA B 23 25.25 -14.07 12.12
CA ALA B 23 24.95 -15.50 12.06
C ALA B 23 23.49 -15.81 12.39
N ASP B 24 22.84 -14.93 13.15
CA ASP B 24 21.44 -15.16 13.51
C ASP B 24 20.44 -14.71 12.44
N VAL B 25 20.91 -13.99 11.44
CA VAL B 25 20.02 -13.52 10.38
C VAL B 25 19.64 -14.65 9.43
N VAL B 26 18.38 -14.68 9.01
CA VAL B 26 17.91 -15.72 8.09
C VAL B 26 18.04 -15.27 6.64
N GLY B 27 18.67 -16.11 5.82
CA GLY B 27 18.87 -15.77 4.42
C GLY B 27 19.92 -14.69 4.22
N GLN B 28 19.79 -13.95 3.12
CA GLN B 28 20.70 -12.86 2.77
C GLN B 28 22.17 -13.25 2.96
N GLU B 29 22.50 -14.52 2.67
CA GLU B 29 23.87 -15.02 2.84
C GLU B 29 24.91 -14.19 2.07
N HIS B 30 24.52 -13.62 0.93
CA HIS B 30 25.44 -12.82 0.14
C HIS B 30 25.81 -11.53 0.85
N VAL B 31 24.83 -10.92 1.51
CA VAL B 31 25.07 -9.69 2.25
C VAL B 31 25.89 -9.99 3.50
N LEU B 32 25.47 -11.02 4.23
CA LEU B 32 26.12 -11.38 5.48
C LEU B 32 27.58 -11.79 5.32
N THR B 33 27.89 -12.68 4.37
CA THR B 33 29.27 -13.09 4.19
C THR B 33 30.16 -11.90 3.85
N ALA B 34 29.69 -11.03 2.97
CA ALA B 34 30.49 -9.86 2.59
C ALA B 34 30.72 -8.92 3.78
N LEU B 35 29.66 -8.63 4.53
CA LEU B 35 29.77 -7.79 5.72
C LEU B 35 30.68 -8.43 6.75
N ALA B 36 30.37 -9.67 7.14
CA ALA B 36 31.15 -10.39 8.16
C ALA B 36 32.63 -10.44 7.81
N ASN B 37 32.94 -10.95 6.63
CA ASN B 37 34.33 -11.03 6.21
C ASN B 37 34.94 -9.64 6.15
N GLY B 38 34.14 -8.66 5.74
CA GLY B 38 34.61 -7.30 5.67
C GLY B 38 35.11 -6.91 7.04
N LEU B 39 34.24 -7.05 8.03
CA LEU B 39 34.60 -6.73 9.41
C LEU B 39 35.78 -7.56 9.91
N SER B 40 35.77 -8.86 9.60
CA SER B 40 36.85 -9.74 10.04
C SER B 40 38.19 -9.38 9.39
N LEU B 41 38.19 -9.07 8.11
CA LEU B 41 39.43 -8.75 7.39
C LEU B 41 39.84 -7.30 7.46
N GLY B 42 39.14 -6.49 8.24
CA GLY B 42 39.51 -5.10 8.34
C GLY B 42 39.20 -4.26 7.10
N ARG B 43 38.59 -4.88 6.09
CA ARG B 43 38.22 -4.14 4.87
C ARG B 43 36.91 -3.39 5.18
N ILE B 44 37.02 -2.17 5.69
CA ILE B 44 35.82 -1.39 6.04
C ILE B 44 35.62 -0.13 5.19
N HIS B 45 34.42 0.02 4.65
CA HIS B 45 34.10 1.18 3.84
C HIS B 45 33.49 2.30 4.67
N HIS B 46 33.43 3.50 4.09
CA HIS B 46 32.89 4.68 4.78
C HIS B 46 31.38 4.75 4.77
N ALA B 47 30.76 4.10 3.81
CA ALA B 47 29.31 4.13 3.70
C ALA B 47 28.74 2.86 3.08
N TYR B 48 27.64 2.39 3.62
CA TYR B 48 27.01 1.18 3.11
C TYR B 48 25.58 1.51 2.64
N LEU B 49 25.15 0.91 1.54
CA LEU B 49 23.80 1.13 1.03
C LEU B 49 23.03 -0.17 1.03
N PHE B 50 21.95 -0.22 1.79
CA PHE B 50 21.11 -1.42 1.86
C PHE B 50 19.84 -1.12 1.09
N SER B 51 19.48 -2.03 0.18
CA SER B 51 18.28 -1.84 -0.62
C SER B 51 17.42 -3.09 -0.61
N GLY B 52 16.12 -2.90 -0.81
CA GLY B 52 15.19 -4.01 -0.84
C GLY B 52 13.80 -3.53 -0.49
N THR B 53 12.81 -4.42 -0.61
CA THR B 53 11.43 -4.08 -0.28
C THR B 53 11.32 -3.78 1.21
N ARG B 54 10.32 -3.03 1.60
CA ARG B 54 10.12 -2.72 3.02
C ARG B 54 9.85 -4.02 3.78
N GLY B 55 10.52 -4.19 4.91
CA GLY B 55 10.34 -5.39 5.71
C GLY B 55 11.38 -6.47 5.50
N VAL B 56 12.20 -6.36 4.46
CA VAL B 56 13.23 -7.39 4.23
C VAL B 56 14.32 -7.40 5.28
N GLY B 57 14.29 -6.44 6.20
CA GLY B 57 15.28 -6.40 7.26
C GLY B 57 16.47 -5.47 7.03
N LYS B 58 16.28 -4.42 6.22
CA LYS B 58 17.34 -3.47 5.95
C LYS B 58 17.91 -2.75 7.16
N THR B 59 17.06 -2.16 7.99
CA THR B 59 17.58 -1.45 9.15
C THR B 59 18.07 -2.44 10.21
N SER B 60 17.51 -3.65 10.19
CA SER B 60 17.91 -4.68 11.14
C SER B 60 19.37 -5.05 10.89
N ILE B 61 19.75 -5.20 9.63
CA ILE B 61 21.13 -5.57 9.34
C ILE B 61 22.10 -4.40 9.49
N ALA B 62 21.64 -3.19 9.17
CA ALA B 62 22.49 -2.02 9.32
C ALA B 62 22.80 -1.89 10.81
N ARG B 63 21.76 -2.09 11.60
CA ARG B 63 21.85 -2.05 13.06
C ARG B 63 22.92 -3.05 13.53
N LEU B 64 22.97 -4.21 12.90
CA LEU B 64 23.96 -5.23 13.27
C LEU B 64 25.36 -4.85 12.87
N LEU B 65 25.47 -4.08 11.79
CA LEU B 65 26.77 -3.62 11.31
C LEU B 65 27.25 -2.51 12.26
N ALA B 66 26.36 -1.60 12.62
CA ALA B 66 26.72 -0.54 13.56
C ALA B 66 27.28 -1.20 14.85
N LYS B 67 26.58 -2.21 15.34
CA LYS B 67 26.95 -2.95 16.54
C LYS B 67 28.36 -3.57 16.46
N GLY B 68 28.65 -4.27 15.37
CA GLY B 68 29.95 -4.88 15.19
C GLY B 68 31.09 -3.88 15.04
N LEU B 69 30.77 -2.71 14.47
CA LEU B 69 31.77 -1.67 14.29
C LEU B 69 32.15 -1.03 15.61
N ASN B 70 31.18 -0.90 16.52
CA ASN B 70 31.44 -0.27 17.81
C ASN B 70 31.63 -1.18 19.03
N CYS B 71 31.61 -2.50 18.84
CA CYS B 71 31.77 -3.38 20.00
C CYS B 71 33.06 -3.03 20.78
N GLU B 72 32.93 -2.88 22.08
CA GLU B 72 34.07 -2.51 22.91
C GLU B 72 35.23 -3.49 22.87
N THR B 73 34.96 -4.73 22.44
CA THR B 73 36.03 -5.72 22.33
C THR B 73 36.84 -5.49 21.06
N GLY B 74 36.24 -4.79 20.09
CA GLY B 74 36.89 -4.51 18.82
C GLY B 74 35.92 -4.64 17.66
N ILE B 75 36.31 -4.13 16.49
CA ILE B 75 35.45 -4.24 15.31
C ILE B 75 35.33 -5.73 15.07
N THR B 76 34.10 -6.23 15.01
CA THR B 76 33.90 -7.64 14.82
C THR B 76 32.56 -7.95 14.18
N ALA B 77 32.47 -9.10 13.52
CA ALA B 77 31.26 -9.56 12.89
C ALA B 77 30.40 -10.28 13.94
N THR B 78 31.02 -10.59 15.07
CA THR B 78 30.36 -11.28 16.18
C THR B 78 30.31 -10.40 17.45
N PRO B 79 29.55 -9.29 17.41
CA PRO B 79 29.43 -8.36 18.54
C PRO B 79 29.17 -9.11 19.87
N CYS B 80 29.95 -8.78 20.90
CA CYS B 80 29.80 -9.47 22.19
C CYS B 80 28.36 -9.44 22.71
N GLY B 81 27.65 -8.36 22.42
CA GLY B 81 26.27 -8.27 22.85
C GLY B 81 26.07 -7.93 24.31
N VAL B 82 27.15 -7.84 25.07
CA VAL B 82 27.06 -7.52 26.49
C VAL B 82 27.83 -6.30 26.95
N CYS B 83 28.65 -5.69 26.10
CA CYS B 83 29.34 -4.48 26.54
C CYS B 83 28.30 -3.34 26.50
N ASP B 84 28.70 -2.13 26.90
CA ASP B 84 27.78 -1.00 26.92
C ASP B 84 27.26 -0.57 25.54
N ASN B 85 28.15 -0.46 24.58
CA ASN B 85 27.74 -0.07 23.24
C ASN B 85 26.74 -1.09 22.70
N CYS B 86 27.07 -2.37 22.77
CA CYS B 86 26.17 -3.42 22.26
C CYS B 86 24.80 -3.34 22.90
N ARG B 87 24.76 -3.39 24.24
CA ARG B 87 23.51 -3.34 24.99
C ARG B 87 22.72 -2.09 24.68
N GLU B 88 23.41 -0.96 24.58
CA GLU B 88 22.76 0.30 24.28
C GLU B 88 22.01 0.24 22.95
N ILE B 89 22.65 -0.36 21.95
CA ILE B 89 22.06 -0.47 20.62
C ILE B 89 20.86 -1.41 20.56
N GLU B 90 20.94 -2.52 21.26
CA GLU B 90 19.84 -3.47 21.26
C GLU B 90 18.65 -2.91 22.03
N GLN B 91 18.92 -1.99 22.95
CA GLN B 91 17.82 -1.39 23.70
C GLN B 91 17.34 -0.17 22.93
N GLY B 92 17.96 0.05 21.77
CA GLY B 92 17.59 1.15 20.89
C GLY B 92 17.85 2.55 21.41
N ARG B 93 19.05 2.79 21.94
CA ARG B 93 19.36 4.10 22.47
C ARG B 93 20.86 4.37 22.61
N PHE B 94 21.60 4.18 21.52
CA PHE B 94 23.03 4.40 21.55
C PHE B 94 23.38 5.76 20.97
N VAL B 95 23.65 6.72 21.86
CA VAL B 95 24.00 8.09 21.48
C VAL B 95 24.49 8.19 20.04
N ASP B 96 25.66 7.59 19.85
CA ASP B 96 26.38 7.57 18.58
C ASP B 96 25.84 6.80 17.39
N LEU B 97 24.62 6.29 17.51
CA LEU B 97 23.98 5.62 16.39
C LEU B 97 22.78 6.53 16.11
N ILE B 98 22.97 7.48 15.21
CA ILE B 98 21.91 8.42 14.87
C ILE B 98 20.98 7.90 13.79
N GLU B 99 19.73 7.61 14.17
CA GLU B 99 18.73 7.13 13.23
C GLU B 99 17.89 8.27 12.68
N ILE B 100 17.80 8.35 11.35
CA ILE B 100 17.05 9.41 10.67
C ILE B 100 16.07 8.85 9.65
N ASP B 101 14.80 9.22 9.73
CA ASP B 101 13.84 8.77 8.71
C ASP B 101 13.64 9.95 7.80
N ALA B 102 14.19 9.80 6.60
CA ALA B 102 14.14 10.83 5.56
C ALA B 102 12.76 10.85 4.91
N ALA B 103 11.95 9.85 5.21
CA ALA B 103 10.61 9.75 4.66
C ALA B 103 9.60 10.43 5.57
N SER B 104 10.01 10.72 6.81
CA SER B 104 9.13 11.38 7.77
C SER B 104 9.13 12.88 7.61
N ARG B 105 7.95 13.43 7.32
CA ARG B 105 7.74 14.85 7.13
C ARG B 105 7.82 15.66 8.43
N THR B 106 7.14 15.15 9.46
CA THR B 106 7.15 15.81 10.75
C THR B 106 8.57 15.76 11.31
N LYS B 107 9.45 15.08 10.59
CA LYS B 107 10.84 14.94 11.03
C LYS B 107 11.89 15.70 10.22
N VAL B 108 11.51 16.26 9.07
CA VAL B 108 12.47 16.98 8.23
C VAL B 108 13.23 18.05 8.99
N GLU B 109 12.74 18.37 10.18
CA GLU B 109 13.36 19.36 11.05
C GLU B 109 14.64 18.72 11.53
N ASP B 110 14.41 17.98 12.59
CA ASP B 110 15.42 17.23 13.26
C ASP B 110 16.31 16.62 12.16
N THR B 111 15.72 16.23 11.02
CA THR B 111 16.50 15.64 9.92
C THR B 111 17.56 16.56 9.31
N ARG B 112 17.15 17.74 8.88
CA ARG B 112 18.05 18.70 8.25
C ARG B 112 19.21 19.11 9.17
N ASP B 113 18.87 19.47 10.40
CA ASP B 113 19.86 19.88 11.39
C ASP B 113 20.92 18.83 11.62
N LEU B 114 20.49 17.59 11.84
CA LEU B 114 21.42 16.50 12.04
C LEU B 114 22.32 16.38 10.82
N LEU B 115 21.72 16.40 9.63
CA LEU B 115 22.50 16.29 8.42
C LEU B 115 23.38 17.51 8.19
N ASP B 116 23.08 18.61 8.88
CA ASP B 116 23.93 19.78 8.74
C ASP B 116 24.83 19.87 9.95
N ASN B 117 24.72 18.87 10.82
CA ASN B 117 25.55 18.80 12.02
C ASN B 117 26.25 17.45 12.01
N VAL B 118 27.22 17.25 11.12
CA VAL B 118 27.84 15.95 11.15
C VAL B 118 28.78 15.85 12.32
N GLN B 119 28.21 15.55 13.49
CA GLN B 119 28.94 15.38 14.72
C GLN B 119 30.10 14.45 14.40
N TYR B 120 31.21 15.07 14.00
CA TYR B 120 32.43 14.40 13.56
C TYR B 120 33.25 13.48 14.45
N ALA B 121 32.97 13.47 15.75
CA ALA B 121 33.77 12.63 16.64
C ALA B 121 32.93 12.10 17.78
N PRO B 122 32.72 10.78 17.81
CA PRO B 122 31.93 10.12 18.85
C PRO B 122 31.97 10.58 20.30
N ALA B 123 31.02 10.02 21.02
CA ALA B 123 30.79 10.27 22.43
C ALA B 123 30.82 8.93 23.16
N ARG B 124 31.42 7.93 22.52
CA ARG B 124 31.52 6.57 23.06
C ARG B 124 32.20 5.63 22.07
N GLY B 125 31.40 5.03 21.19
CA GLY B 125 31.94 4.12 20.19
C GLY B 125 33.04 4.78 19.40
N ARG B 126 33.79 4.00 18.63
CA ARG B 126 34.89 4.56 17.85
C ARG B 126 34.39 5.04 16.48
N PHE B 127 33.07 5.07 16.32
CA PHE B 127 32.47 5.50 15.07
C PHE B 127 31.12 6.14 15.32
N LYS B 128 30.91 7.36 14.83
CA LYS B 128 29.59 7.98 14.98
C LYS B 128 28.85 7.30 13.82
N VAL B 129 27.64 6.83 14.05
CA VAL B 129 26.92 6.15 12.98
C VAL B 129 25.54 6.68 12.65
N TYR B 130 25.37 7.10 11.40
CA TYR B 130 24.08 7.60 10.93
C TYR B 130 23.41 6.52 10.10
N LEU B 131 22.17 6.21 10.46
CA LEU B 131 21.39 5.21 9.77
C LEU B 131 20.20 5.94 9.15
N ILE B 132 20.35 6.32 7.89
CA ILE B 132 19.31 7.05 7.18
C ILE B 132 18.40 6.13 6.39
N ASP B 133 17.15 6.03 6.83
CA ASP B 133 16.17 5.16 6.18
C ASP B 133 15.48 5.92 5.03
N GLU B 134 15.19 5.22 3.93
CA GLU B 134 14.56 5.84 2.77
C GLU B 134 15.34 7.10 2.38
N VAL B 135 16.66 6.93 2.31
CA VAL B 135 17.57 8.02 2.00
C VAL B 135 17.23 8.80 0.73
N HIS B 136 16.61 8.13 -0.24
CA HIS B 136 16.25 8.77 -1.49
C HIS B 136 15.18 9.84 -1.31
N MET B 137 14.60 9.92 -0.12
CA MET B 137 13.55 10.91 0.17
C MET B 137 14.07 12.24 0.72
N LEU B 138 15.35 12.31 1.02
CA LEU B 138 15.98 13.52 1.58
C LEU B 138 15.70 14.84 0.83
N SER B 139 15.79 15.95 1.55
CA SER B 139 15.60 17.29 1.00
C SER B 139 16.60 17.46 -0.14
N ARG B 140 16.26 18.26 -1.13
CA ARG B 140 17.18 18.51 -2.25
C ARG B 140 18.38 19.15 -1.60
N HIS B 141 18.07 19.86 -0.52
CA HIS B 141 19.02 20.58 0.30
C HIS B 141 19.90 19.54 0.98
N SER B 142 19.24 18.74 1.81
CA SER B 142 19.87 17.68 2.59
C SER B 142 20.64 16.62 1.80
N PHE B 143 20.45 16.53 0.48
CA PHE B 143 21.16 15.54 -0.33
C PHE B 143 22.58 15.94 -0.73
N ASN B 144 22.85 17.24 -0.89
CA ASN B 144 24.22 17.61 -1.25
C ASN B 144 25.00 17.73 0.04
N ALA B 145 24.26 17.73 1.15
CA ALA B 145 24.85 17.81 2.48
C ALA B 145 25.47 16.47 2.85
N LEU B 146 24.87 15.39 2.37
CA LEU B 146 25.36 14.04 2.65
C LEU B 146 26.47 13.72 1.65
N LEU B 147 26.15 13.90 0.37
CA LEU B 147 27.13 13.64 -0.69
C LEU B 147 28.40 14.41 -0.44
N LYS B 148 28.25 15.67 -0.05
CA LYS B 148 29.41 16.50 0.21
C LYS B 148 30.15 15.93 1.41
N THR B 149 29.40 15.39 2.36
CA THR B 149 30.00 14.79 3.54
C THR B 149 30.61 13.43 3.18
N LEU B 150 30.28 12.92 1.99
CA LEU B 150 30.78 11.63 1.47
C LEU B 150 31.93 11.80 0.47
N GLU B 151 31.94 12.94 -0.24
CA GLU B 151 32.98 13.26 -1.23
C GLU B 151 34.36 13.35 -0.59
N GLU B 152 34.44 14.11 0.51
CA GLU B 152 35.69 14.26 1.26
C GLU B 152 35.43 13.57 2.60
N PRO B 153 35.50 12.24 2.59
CA PRO B 153 35.31 11.29 3.68
C PRO B 153 35.81 11.48 5.13
N PRO B 154 34.86 11.68 6.03
CA PRO B 154 35.11 11.85 7.44
C PRO B 154 35.87 10.61 7.91
N GLU B 155 36.41 10.71 9.11
CA GLU B 155 37.17 9.59 9.59
C GLU B 155 36.41 8.81 10.63
N HIS B 156 35.93 9.52 11.64
CA HIS B 156 35.20 8.88 12.71
C HIS B 156 33.70 8.68 12.44
N VAL B 157 33.29 8.95 11.21
CA VAL B 157 31.89 8.82 10.85
C VAL B 157 31.64 7.67 9.86
N LYS B 158 30.46 7.08 9.95
CA LYS B 158 30.05 6.00 9.06
C LYS B 158 28.60 6.23 8.67
N PHE B 159 28.29 6.00 7.40
CA PHE B 159 26.93 6.19 6.92
C PHE B 159 26.30 4.88 6.48
N LEU B 160 25.16 4.56 7.08
CA LEU B 160 24.44 3.35 6.71
C LEU B 160 23.12 3.83 6.13
N LEU B 161 23.01 3.69 4.82
CA LEU B 161 21.82 4.15 4.10
C LEU B 161 20.90 2.99 3.72
N ALA B 162 19.60 3.23 3.78
CA ALA B 162 18.63 2.20 3.42
C ALA B 162 17.60 2.80 2.45
N THR B 163 17.26 2.04 1.41
CA THR B 163 16.30 2.51 0.40
C THR B 163 15.46 1.39 -0.18
N THR B 164 14.25 1.76 -0.64
CA THR B 164 13.35 0.82 -1.26
C THR B 164 13.33 1.13 -2.75
N ASP B 165 14.07 2.17 -3.13
CA ASP B 165 14.11 2.58 -4.52
C ASP B 165 15.49 3.16 -4.89
N PRO B 166 16.50 2.31 -4.89
CA PRO B 166 17.90 2.60 -5.21
C PRO B 166 18.12 3.42 -6.49
N GLN B 167 17.33 3.15 -7.53
CA GLN B 167 17.48 3.85 -8.79
C GLN B 167 17.15 5.33 -8.66
N LYS B 168 16.59 5.73 -7.52
CA LYS B 168 16.23 7.13 -7.31
C LYS B 168 17.38 7.95 -6.75
N LEU B 169 18.45 7.27 -6.35
CA LEU B 169 19.61 7.97 -5.78
C LEU B 169 20.57 8.47 -6.85
N PRO B 170 21.25 9.58 -6.57
CA PRO B 170 22.22 10.16 -7.48
C PRO B 170 23.27 9.12 -7.91
N VAL B 171 23.74 9.24 -9.15
CA VAL B 171 24.75 8.32 -9.66
C VAL B 171 25.97 8.57 -8.80
N THR B 172 26.17 9.84 -8.47
CA THR B 172 27.29 10.29 -7.69
C THR B 172 27.40 9.45 -6.43
N ILE B 173 26.28 9.25 -5.74
CA ILE B 173 26.24 8.46 -4.52
C ILE B 173 26.29 6.95 -4.71
N LEU B 174 25.57 6.43 -5.70
CA LEU B 174 25.54 4.99 -5.97
C LEU B 174 26.91 4.36 -6.16
N SER B 175 27.77 5.03 -6.91
CA SER B 175 29.11 4.51 -7.18
C SER B 175 30.06 4.81 -6.03
N ARG B 176 29.50 5.28 -4.91
CA ARG B 176 30.27 5.60 -3.72
C ARG B 176 30.08 4.58 -2.62
N CYS B 177 28.85 4.13 -2.45
CA CYS B 177 28.54 3.18 -1.42
C CYS B 177 28.65 1.76 -1.89
N LEU B 178 28.97 0.90 -0.95
CA LEU B 178 29.05 -0.52 -1.18
C LEU B 178 27.58 -0.91 -1.03
N GLN B 179 26.97 -1.50 -2.05
CA GLN B 179 25.57 -1.85 -1.95
C GLN B 179 25.29 -3.32 -1.65
N PHE B 180 24.23 -3.53 -0.88
CA PHE B 180 23.79 -4.87 -0.48
C PHE B 180 22.30 -4.96 -0.81
N HIS B 181 21.94 -5.94 -1.62
CA HIS B 181 20.54 -6.11 -2.03
C HIS B 181 19.92 -7.24 -1.23
N LEU B 182 19.17 -6.89 -0.21
CA LEU B 182 18.50 -7.89 0.60
C LEU B 182 17.26 -8.33 -0.15
N LYS B 183 16.89 -9.59 0.01
CA LYS B 183 15.75 -10.12 -0.70
C LYS B 183 14.71 -10.75 0.21
N ALA B 184 13.46 -10.72 -0.22
CA ALA B 184 12.39 -11.30 0.57
C ALA B 184 12.64 -12.79 0.74
N LEU B 185 12.18 -13.33 1.84
CA LEU B 185 12.37 -14.75 2.11
C LEU B 185 11.21 -15.49 1.47
N ASP B 186 11.50 -16.64 0.86
CA ASP B 186 10.46 -17.44 0.24
C ASP B 186 9.68 -18.10 1.38
N VAL B 187 8.49 -18.63 1.08
CA VAL B 187 7.65 -19.26 2.08
C VAL B 187 8.41 -20.30 2.91
N GLU B 188 9.22 -21.11 2.25
CA GLU B 188 9.99 -22.15 2.92
C GLU B 188 10.91 -21.65 4.04
N GLN B 189 11.81 -20.72 3.71
CA GLN B 189 12.74 -20.18 4.69
C GLN B 189 11.97 -19.66 5.90
N ILE B 190 10.82 -19.04 5.66
CA ILE B 190 10.03 -18.49 6.75
C ILE B 190 9.32 -19.57 7.57
N ARG B 191 8.73 -20.54 6.88
CA ARG B 191 8.03 -21.62 7.56
C ARG B 191 9.02 -22.37 8.44
N HIS B 192 10.22 -22.60 7.91
CA HIS B 192 11.26 -23.30 8.64
C HIS B 192 11.67 -22.57 9.93
N GLN B 193 11.99 -21.29 9.82
CA GLN B 193 12.39 -20.53 11.00
C GLN B 193 11.27 -20.48 12.03
N LEU B 194 10.03 -20.33 11.57
CA LEU B 194 8.89 -20.29 12.47
C LEU B 194 8.80 -21.63 13.20
N GLU B 195 8.88 -22.71 12.44
CA GLU B 195 8.81 -24.05 13.02
C GLU B 195 9.91 -24.21 14.08
N HIS B 196 11.13 -23.80 13.74
CA HIS B 196 12.25 -23.89 14.66
C HIS B 196 12.01 -23.03 15.89
N ILE B 197 11.71 -21.75 15.66
CA ILE B 197 11.49 -20.82 16.76
C ILE B 197 10.47 -21.31 17.78
N LEU B 198 9.29 -21.71 17.30
CA LEU B 198 8.24 -22.18 18.19
C LEU B 198 8.57 -23.48 18.93
N ASN B 199 9.41 -24.32 18.31
CA ASN B 199 9.79 -25.58 18.94
C ASN B 199 10.73 -25.34 20.10
N GLU B 200 11.36 -24.17 20.12
CA GLU B 200 12.25 -23.89 21.21
C GLU B 200 11.57 -23.05 22.26
N GLU B 201 10.51 -22.35 21.89
CA GLU B 201 9.82 -21.58 22.90
C GLU B 201 8.81 -22.58 23.43
N HIS B 202 8.69 -23.70 22.70
CA HIS B 202 7.78 -24.78 23.03
C HIS B 202 6.35 -24.30 22.85
N ILE B 203 5.98 -24.08 21.60
CA ILE B 203 4.65 -23.61 21.23
C ILE B 203 4.04 -24.62 20.26
N ALA B 204 2.90 -25.18 20.66
CA ALA B 204 2.19 -26.18 19.87
C ALA B 204 1.79 -25.64 18.52
N HIS B 205 1.59 -26.50 17.52
CA HIS B 205 1.19 -25.99 16.23
C HIS B 205 0.77 -26.96 15.14
N GLU B 206 0.08 -26.42 14.15
CA GLU B 206 -0.36 -27.22 13.03
C GLU B 206 0.28 -26.64 11.78
N PRO B 207 1.03 -27.47 11.05
CA PRO B 207 1.72 -27.07 9.82
C PRO B 207 0.96 -26.09 8.91
N ARG B 208 -0.30 -26.40 8.58
CA ARG B 208 -1.07 -25.49 7.74
C ARG B 208 -0.88 -24.07 8.22
N ALA B 209 -0.99 -23.87 9.53
CA ALA B 209 -0.84 -22.57 10.15
C ALA B 209 0.43 -21.83 9.73
N LEU B 210 1.58 -22.42 10.06
CA LEU B 210 2.85 -21.80 9.73
C LEU B 210 2.97 -21.53 8.24
N GLN B 211 2.46 -22.45 7.42
CA GLN B 211 2.51 -22.25 5.97
C GLN B 211 1.68 -21.00 5.67
N LEU B 212 0.61 -20.81 6.46
CA LEU B 212 -0.27 -19.65 6.30
C LEU B 212 0.52 -18.42 6.73
N LEU B 213 1.07 -18.48 7.94
CA LEU B 213 1.88 -17.39 8.49
C LEU B 213 2.97 -16.97 7.49
N ALA B 214 3.66 -17.97 6.94
CA ALA B 214 4.74 -17.75 5.98
C ALA B 214 4.25 -16.94 4.78
N ARG B 215 3.18 -17.43 4.15
CA ARG B 215 2.61 -16.77 2.99
C ARG B 215 2.01 -15.43 3.40
N ALA B 216 1.51 -15.37 4.63
CA ALA B 216 0.91 -14.15 5.14
C ALA B 216 1.93 -13.02 5.27
N ALA B 217 3.19 -13.37 5.52
CA ALA B 217 4.24 -12.38 5.71
C ALA B 217 4.98 -11.84 4.46
N GLU B 218 4.63 -12.34 3.28
CA GLU B 218 5.25 -11.86 2.05
C GLU B 218 6.76 -11.58 2.05
N GLY B 219 7.56 -12.57 2.40
CA GLY B 219 9.01 -12.40 2.39
C GLY B 219 9.67 -11.70 3.56
N SER B 220 8.93 -11.48 4.65
CA SER B 220 9.50 -10.79 5.80
C SER B 220 9.45 -11.58 7.09
N LEU B 221 10.61 -11.77 7.70
CA LEU B 221 10.69 -12.51 8.95
C LEU B 221 10.32 -11.61 10.14
N ARG B 222 10.29 -10.29 9.93
CA ARG B 222 9.91 -9.36 11.01
C ARG B 222 8.41 -9.50 11.18
N ASP B 223 7.71 -9.40 10.06
CA ASP B 223 6.26 -9.48 10.06
C ASP B 223 5.76 -10.83 10.50
N ALA B 224 6.28 -11.91 9.91
CA ALA B 224 5.85 -13.25 10.29
C ALA B 224 5.96 -13.42 11.80
N LEU B 225 6.99 -12.82 12.38
CA LEU B 225 7.23 -12.89 13.82
C LEU B 225 6.20 -12.12 14.61
N SER B 226 5.66 -11.07 14.00
CA SER B 226 4.65 -10.24 14.66
C SER B 226 3.29 -10.89 14.44
N LEU B 227 3.14 -11.59 13.32
CA LEU B 227 1.89 -12.26 12.99
C LEU B 227 1.75 -13.53 13.83
N THR B 228 2.89 -14.06 14.28
CA THR B 228 2.88 -15.26 15.12
C THR B 228 2.48 -14.86 16.53
N ASP B 229 3.03 -13.75 17.01
CA ASP B 229 2.73 -13.25 18.35
C ASP B 229 1.28 -12.84 18.45
N GLN B 230 0.72 -12.34 17.34
CA GLN B 230 -0.67 -11.93 17.29
C GLN B 230 -1.54 -13.18 17.07
N ALA B 231 -1.01 -14.19 16.40
CA ALA B 231 -1.74 -15.43 16.14
C ALA B 231 -1.87 -16.19 17.45
N ILE B 232 -0.96 -15.90 18.37
CA ILE B 232 -0.95 -16.51 19.69
C ILE B 232 -2.17 -15.93 20.40
N ALA B 233 -2.49 -14.69 20.05
CA ALA B 233 -3.62 -13.96 20.63
C ALA B 233 -5.00 -14.50 20.20
N SER B 234 -5.23 -14.67 18.90
CA SER B 234 -6.52 -15.18 18.43
C SER B 234 -6.84 -16.41 19.29
N GLY B 235 -6.33 -17.58 18.91
CA GLY B 235 -6.54 -18.77 19.71
C GLY B 235 -5.40 -18.64 20.71
N ASP B 236 -5.69 -18.71 21.99
CA ASP B 236 -4.66 -18.55 23.03
C ASP B 236 -3.46 -19.50 23.04
N GLY B 237 -2.27 -18.89 22.99
CA GLY B 237 -1.02 -19.62 23.02
C GLY B 237 -0.97 -20.91 22.24
N GLN B 238 -1.16 -20.83 20.93
CA GLN B 238 -1.12 -22.01 20.06
C GLN B 238 -1.38 -21.62 18.63
N VAL B 239 -0.50 -22.06 17.76
CA VAL B 239 -0.63 -21.75 16.34
C VAL B 239 -1.50 -22.79 15.66
N SER B 240 -2.81 -22.69 15.89
CA SER B 240 -3.76 -23.63 15.30
C SER B 240 -4.32 -23.11 13.99
N THR B 241 -4.62 -24.05 13.10
CA THR B 241 -5.17 -23.73 11.78
C THR B 241 -6.06 -22.48 11.82
N GLN B 242 -7.22 -22.60 12.48
CA GLN B 242 -8.16 -21.48 12.59
C GLN B 242 -7.57 -20.28 13.33
N ALA B 243 -6.63 -20.52 14.23
CA ALA B 243 -6.01 -19.44 15.00
C ALA B 243 -5.39 -18.44 14.03
N VAL B 244 -4.58 -18.97 13.13
CA VAL B 244 -3.91 -18.14 12.15
C VAL B 244 -4.84 -17.62 11.08
N SER B 245 -5.75 -18.46 10.60
CA SER B 245 -6.70 -18.07 9.57
C SER B 245 -7.75 -17.09 10.13
N ALA B 246 -8.06 -17.23 11.41
CA ALA B 246 -9.03 -16.37 12.08
C ALA B 246 -8.49 -14.94 12.24
N MET B 247 -7.40 -14.80 12.98
CA MET B 247 -6.83 -13.47 13.16
C MET B 247 -6.33 -12.97 11.81
N LEU B 248 -6.31 -13.87 10.84
CA LEU B 248 -5.88 -13.54 9.48
C LEU B 248 -7.06 -12.98 8.67
N GLY B 249 -8.12 -13.78 8.57
CA GLY B 249 -9.30 -13.38 7.81
C GLY B 249 -9.17 -13.87 6.38
N THR B 250 -8.82 -15.15 6.24
CA THR B 250 -8.63 -15.74 4.93
C THR B 250 -9.40 -17.05 4.77
ZN ZN C . -11.93 17.75 -18.33
S SO4 D . -19.97 -1.46 -7.74
O1 SO4 D . -20.08 -2.91 -7.87
O2 SO4 D . -20.50 -1.06 -6.42
O3 SO4 D . -18.59 -1.00 -7.86
O4 SO4 D . -20.74 -0.82 -8.84
S SO4 E . -18.93 -7.55 -11.56
O1 SO4 E . -18.79 -9.01 -11.76
O2 SO4 E . -19.93 -7.29 -10.50
O3 SO4 E . -17.61 -6.98 -11.17
O4 SO4 E . -19.39 -6.91 -12.82
ZN ZN F . 30.13 -5.66 22.53
S SO4 G . 13.28 -2.98 6.28
O1 SO4 G . 12.99 -4.10 7.21
O2 SO4 G . 14.23 -2.06 6.95
O3 SO4 G . 13.89 -3.49 5.03
O4 SO4 G . 12.05 -2.24 5.94
#